data_6CCO
#
_entry.id   6CCO
#
_cell.length_a   134.763
_cell.length_b   134.763
_cell.length_c   134.763
_cell.angle_alpha   90.000
_cell.angle_beta   90.000
_cell.angle_gamma   90.000
#
_symmetry.space_group_name_H-M   'I 2 3'
#
loop_
_entity.id
_entity.type
_entity.pdbx_description
1 polymer 'Phosphopantetheine adenylyltransferase'
2 non-polymer '3-[(1S,2S)-2-(7-hydroxy-1H-benzimidazol-2-yl)cyclopentyl]benzoic acid'
3 non-polymer 'SULFATE ION'
4 water water
#
_entity_poly.entity_id   1
_entity_poly.type   'polypeptide(L)'
_entity_poly.pdbx_seq_one_letter_code
;MQKRAIYPGTFDPITNGHIDIVTRATQMFDHVILAIAASPSKKPMFTLEERVALAQQATAHLGNVEVVGFSDLMANFARN
QHATVLIRGLRAVADFEYEMQLAHMNRHLMPELESVFLMPSKEWSFISSSLVKEVARHQGDVTHFLPENVHQALMAKLAV
D
;
_entity_poly.pdbx_strand_id   A,B
#
loop_
_chem_comp.id
_chem_comp.type
_chem_comp.name
_chem_comp.formula
EXV non-polymer '3-[(1S,2S)-2-(7-hydroxy-1H-benzimidazol-2-yl)cyclopentyl]benzoic acid' 'C19 H18 N2 O3'
SO4 non-polymer 'SULFATE ION' 'O4 S -2'
#
# COMPACT_ATOMS: atom_id res chain seq x y z
N MET A 1 4.34 16.83 -8.22
CA MET A 1 3.00 16.61 -7.64
C MET A 1 3.00 16.91 -6.14
N GLN A 2 2.02 17.71 -5.68
CA GLN A 2 1.80 18.11 -4.28
C GLN A 2 0.63 17.28 -3.68
N LYS A 3 0.96 16.05 -3.30
CA LYS A 3 -0.04 15.09 -2.83
C LYS A 3 -0.48 15.28 -1.38
N ARG A 4 -1.79 15.18 -1.15
CA ARG A 4 -2.38 15.24 0.18
C ARG A 4 -2.96 13.87 0.47
N ALA A 5 -2.61 13.32 1.63
CA ALA A 5 -3.03 12.00 2.03
C ALA A 5 -3.77 12.04 3.34
N ILE A 6 -4.76 11.18 3.52
CA ILE A 6 -5.44 11.06 4.83
C ILE A 6 -5.09 9.71 5.39
N TYR A 7 -5.00 9.64 6.70
CA TYR A 7 -4.73 8.41 7.44
C TYR A 7 -5.83 8.29 8.49
N PRO A 8 -6.97 7.65 8.11
CA PRO A 8 -8.12 7.60 9.03
C PRO A 8 -8.12 6.43 10.00
N GLY A 9 -8.82 6.60 11.11
CA GLY A 9 -8.90 5.54 12.11
C GLY A 9 -9.62 6.04 13.34
N THR A 10 -9.83 5.17 14.30
CA THR A 10 -10.46 5.58 15.56
C THR A 10 -9.35 6.01 16.50
N PHE A 11 -8.11 5.49 16.33
CA PHE A 11 -6.97 5.84 17.20
C PHE A 11 -7.41 5.91 18.69
N ASP A 12 -7.93 4.80 19.22
CA ASP A 12 -8.48 4.73 20.57
C ASP A 12 -7.75 3.74 21.49
N PRO A 13 -6.52 4.03 21.96
CA PRO A 13 -5.72 5.23 21.72
C PRO A 13 -4.76 5.04 20.55
N ILE A 14 -4.05 6.09 20.17
CA ILE A 14 -3.03 5.99 19.14
C ILE A 14 -1.86 5.16 19.75
N THR A 15 -1.32 4.20 18.98
CA THR A 15 -0.24 3.33 19.45
C THR A 15 1.05 3.62 18.68
N ASN A 16 2.13 2.94 19.06
CA ASN A 16 3.40 3.04 18.35
C ASN A 16 3.28 2.51 16.93
N GLY A 17 2.35 1.57 16.70
CA GLY A 17 2.07 1.08 15.36
C GLY A 17 1.51 2.17 14.46
N HIS A 18 0.59 2.99 14.99
CA HIS A 18 0.00 4.11 14.24
C HIS A 18 1.08 5.19 13.98
N ILE A 19 1.94 5.44 14.98
CA ILE A 19 3.02 6.44 14.81
C ILE A 19 3.96 5.99 13.69
N ASP A 20 4.32 4.69 13.68
CA ASP A 20 5.18 4.14 12.65
C ASP A 20 4.53 4.39 11.25
N ILE A 21 3.24 4.02 11.09
CA ILE A 21 2.56 4.20 9.80
C ILE A 21 2.53 5.64 9.37
N VAL A 22 2.10 6.54 10.26
CA VAL A 22 2.00 7.97 9.87
C VAL A 22 3.38 8.54 9.53
N THR A 23 4.45 8.08 10.22
CA THR A 23 5.81 8.57 9.95
C THR A 23 6.23 8.15 8.53
N ARG A 24 5.96 6.89 8.17
CA ARG A 24 6.26 6.36 6.82
C ARG A 24 5.48 7.19 5.79
N ALA A 25 4.19 7.49 6.06
CA ALA A 25 3.37 8.29 5.13
C ALA A 25 3.96 9.70 4.92
N THR A 26 4.47 10.34 6.00
CA THR A 26 5.08 11.69 5.84
C THR A 26 6.36 11.70 4.99
N GLN A 27 7.00 10.53 4.87
CA GLN A 27 8.23 10.40 4.11
C GLN A 27 7.90 10.25 2.61
N MET A 28 6.61 9.96 2.25
CA MET A 28 6.33 9.84 0.83
C MET A 28 5.30 10.83 0.28
N PHE A 29 4.51 11.46 1.13
CA PHE A 29 3.50 12.42 0.69
C PHE A 29 3.78 13.78 1.34
N ASP A 30 3.51 14.89 0.61
CA ASP A 30 3.77 16.26 1.10
C ASP A 30 2.97 16.67 2.34
N HIS A 31 1.70 16.27 2.43
N HIS A 31 1.69 16.27 2.43
CA HIS A 31 0.85 16.59 3.58
CA HIS A 31 0.82 16.64 3.55
C HIS A 31 0.03 15.40 3.99
C HIS A 31 -0.01 15.43 3.98
N VAL A 32 0.07 15.06 5.27
CA VAL A 32 -0.67 13.92 5.82
C VAL A 32 -1.65 14.41 6.87
N ILE A 33 -2.91 14.06 6.71
CA ILE A 33 -3.91 14.39 7.72
C ILE A 33 -4.20 13.09 8.50
N LEU A 34 -3.92 13.08 9.79
CA LEU A 34 -4.24 11.95 10.65
C LEU A 34 -5.69 12.24 11.06
N ALA A 35 -6.61 11.44 10.51
CA ALA A 35 -8.04 11.72 10.62
C ALA A 35 -8.68 10.79 11.64
N ILE A 36 -9.24 11.37 12.70
CA ILE A 36 -9.81 10.57 13.81
C ILE A 36 -11.31 10.54 13.74
N ALA A 37 -11.89 9.33 13.66
CA ALA A 37 -13.35 9.15 13.58
C ALA A 37 -14.04 9.54 14.89
N ALA A 38 -15.05 10.40 14.79
CA ALA A 38 -15.79 10.89 15.94
C ALA A 38 -16.68 9.81 16.55
N SER A 39 -17.31 8.98 15.69
CA SER A 39 -18.32 7.98 15.99
C SER A 39 -17.89 6.70 16.65
N PRO A 40 -18.78 6.25 17.56
CA PRO A 40 -18.56 4.97 18.21
C PRO A 40 -19.39 3.86 17.55
N SER A 41 -18.76 2.98 16.72
CA SER A 41 -19.45 1.80 16.20
C SER A 41 -19.71 1.01 17.51
N LYS A 42 -18.63 0.93 18.33
CA LYS A 42 -18.56 0.47 19.70
C LYS A 42 -18.04 1.71 20.46
N LYS A 43 -18.61 2.02 21.64
CA LYS A 43 -18.20 3.19 22.44
C LYS A 43 -16.67 3.21 22.71
N PRO A 44 -15.95 4.29 22.29
CA PRO A 44 -14.50 4.32 22.48
C PRO A 44 -14.09 4.60 23.92
N MET A 45 -12.91 4.09 24.36
CA MET A 45 -12.35 4.32 25.70
C MET A 45 -12.09 5.82 25.94
N PHE A 46 -11.45 6.49 24.97
CA PHE A 46 -11.13 7.91 25.02
C PHE A 46 -12.14 8.67 24.18
N THR A 47 -12.52 9.86 24.64
CA THR A 47 -13.46 10.71 23.90
C THR A 47 -12.72 11.25 22.68
N LEU A 48 -13.46 11.79 21.69
CA LEU A 48 -12.83 12.39 20.53
C LEU A 48 -11.81 13.48 20.91
N GLU A 49 -12.17 14.39 21.84
CA GLU A 49 -11.28 15.46 22.31
C GLU A 49 -9.95 14.87 22.87
N GLU A 50 -10.06 13.81 23.69
CA GLU A 50 -8.91 13.09 24.27
C GLU A 50 -8.08 12.44 23.16
N ARG A 51 -8.74 11.76 22.21
CA ARG A 51 -8.03 11.08 21.10
C ARG A 51 -7.25 12.07 20.22
N VAL A 52 -7.84 13.24 19.93
CA VAL A 52 -7.18 14.28 19.14
C VAL A 52 -5.98 14.86 19.87
N ALA A 53 -6.11 15.21 21.16
CA ALA A 53 -5.00 15.82 21.89
C ALA A 53 -3.85 14.83 22.02
N LEU A 54 -4.16 13.56 22.28
CA LEU A 54 -3.11 12.54 22.40
C LEU A 54 -2.35 12.36 21.10
N ALA A 55 -3.09 12.30 19.99
CA ALA A 55 -2.48 12.15 18.66
C ALA A 55 -1.64 13.37 18.26
N GLN A 56 -2.10 14.59 18.62
CA GLN A 56 -1.37 15.84 18.33
C GLN A 56 -0.03 15.86 19.04
N GLN A 57 -0.05 15.60 20.38
CA GLN A 57 1.19 15.56 21.18
C GLN A 57 2.13 14.49 20.64
N ALA A 58 1.60 13.29 20.28
CA ALA A 58 2.43 12.18 19.82
C ALA A 58 3.03 12.36 18.42
N THR A 59 2.45 13.26 17.58
CA THR A 59 2.94 13.52 16.21
C THR A 59 3.53 14.93 16.05
N ALA A 60 3.56 15.72 17.14
CA ALA A 60 4.07 17.11 17.18
C ALA A 60 5.45 17.29 16.51
N HIS A 61 6.30 16.25 16.55
CA HIS A 61 7.65 16.23 15.98
C HIS A 61 7.67 16.05 14.45
N LEU A 62 6.52 15.70 13.83
CA LEU A 62 6.36 15.51 12.39
C LEU A 62 5.71 16.75 11.79
N GLY A 63 6.51 17.55 11.11
CA GLY A 63 6.11 18.83 10.54
C GLY A 63 4.97 18.85 9.54
N ASN A 64 4.76 17.75 8.79
CA ASN A 64 3.72 17.74 7.77
C ASN A 64 2.51 16.88 8.13
N VAL A 65 2.22 16.75 9.44
CA VAL A 65 1.04 16.02 9.93
C VAL A 65 0.09 17.02 10.57
N GLU A 66 -1.19 16.89 10.26
CA GLU A 66 -2.27 17.69 10.84
C GLU A 66 -3.25 16.67 11.45
N VAL A 67 -3.62 16.81 12.73
CA VAL A 67 -4.58 15.88 13.35
C VAL A 67 -5.97 16.53 13.29
N VAL A 68 -6.98 15.82 12.72
CA VAL A 68 -8.33 16.39 12.51
C VAL A 68 -9.40 15.35 12.83
N GLY A 69 -10.45 15.75 13.55
CA GLY A 69 -11.58 14.87 13.82
C GLY A 69 -12.56 14.92 12.65
N PHE A 70 -13.28 13.81 12.39
CA PHE A 70 -14.29 13.80 11.33
C PHE A 70 -15.42 12.86 11.71
N SER A 71 -16.64 13.15 11.25
CA SER A 71 -17.81 12.35 11.62
C SER A 71 -18.52 11.77 10.41
N ASP A 72 -17.93 11.94 9.22
CA ASP A 72 -18.52 11.43 7.98
C ASP A 72 -17.77 10.19 7.47
N LEU A 73 -18.10 9.71 6.24
CA LEU A 73 -17.38 8.58 5.65
C LEU A 73 -15.97 9.04 5.40
N MET A 74 -14.96 8.15 5.51
CA MET A 74 -13.58 8.53 5.22
C MET A 74 -13.42 9.02 3.75
N ALA A 75 -14.24 8.49 2.80
CA ALA A 75 -14.19 8.95 1.40
C ALA A 75 -14.68 10.42 1.30
N ASN A 76 -15.78 10.76 1.99
CA ASN A 76 -16.33 12.12 2.00
C ASN A 76 -15.34 13.10 2.63
N PHE A 77 -14.65 12.68 3.69
CA PHE A 77 -13.65 13.52 4.37
C PHE A 77 -12.46 13.75 3.43
N ALA A 78 -11.96 12.68 2.76
CA ALA A 78 -10.85 12.80 1.81
C ALA A 78 -11.24 13.82 0.71
N ARG A 79 -12.47 13.73 0.17
CA ARG A 79 -12.95 14.65 -0.87
C ARG A 79 -12.90 16.09 -0.38
N ASN A 80 -13.46 16.36 0.81
CA ASN A 80 -13.48 17.73 1.37
C ASN A 80 -12.10 18.28 1.72
N GLN A 81 -11.14 17.38 2.00
CA GLN A 81 -9.78 17.80 2.33
C GLN A 81 -8.91 17.85 1.08
N HIS A 82 -9.48 17.59 -0.10
CA HIS A 82 -8.75 17.56 -1.37
C HIS A 82 -7.58 16.55 -1.30
N ALA A 83 -7.83 15.40 -0.68
CA ALA A 83 -6.82 14.36 -0.57
C ALA A 83 -7.10 13.33 -1.65
N THR A 84 -6.05 12.80 -2.26
CA THR A 84 -6.20 11.79 -3.32
C THR A 84 -5.57 10.48 -2.90
N VAL A 85 -5.04 10.45 -1.68
CA VAL A 85 -4.46 9.22 -1.16
C VAL A 85 -5.07 8.91 0.21
N LEU A 86 -5.48 7.65 0.41
CA LEU A 86 -6.02 7.16 1.66
C LEU A 86 -5.04 6.10 2.19
N ILE A 87 -4.41 6.37 3.33
CA ILE A 87 -3.43 5.47 3.95
C ILE A 87 -4.10 4.41 4.78
N ARG A 88 -3.74 3.14 4.55
CA ARG A 88 -4.20 2.03 5.40
C ARG A 88 -2.97 1.32 5.90
N GLY A 89 -2.93 1.04 7.19
CA GLY A 89 -1.83 0.29 7.77
C GLY A 89 -2.15 -1.18 7.61
N LEU A 90 -1.17 -1.96 7.21
CA LEU A 90 -1.36 -3.38 6.99
C LEU A 90 -0.44 -4.18 7.91
N ARG A 91 -0.91 -4.47 9.13
CA ARG A 91 -0.14 -5.31 10.08
C ARG A 91 -0.24 -6.77 9.61
N ALA A 92 0.61 -7.65 10.14
CA ALA A 92 0.60 -9.07 9.79
C ALA A 92 -0.73 -9.72 10.21
N VAL A 93 -1.40 -9.10 11.19
CA VAL A 93 -2.64 -9.60 11.78
C VAL A 93 -3.88 -8.80 11.32
N ALA A 94 -3.79 -8.09 10.17
CA ALA A 94 -4.91 -7.33 9.62
C ALA A 94 -5.98 -8.25 9.01
N ASP A 95 -7.22 -7.76 8.91
CA ASP A 95 -8.34 -8.47 8.30
C ASP A 95 -8.25 -8.07 6.84
N PHE A 96 -7.49 -8.83 6.04
CA PHE A 96 -7.25 -8.47 4.65
C PHE A 96 -8.55 -8.43 3.82
N GLU A 97 -9.50 -9.32 4.13
CA GLU A 97 -10.81 -9.38 3.46
C GLU A 97 -11.55 -8.06 3.67
N TYR A 98 -11.58 -7.55 4.92
CA TYR A 98 -12.26 -6.30 5.19
C TYR A 98 -11.56 -5.15 4.46
N GLU A 99 -10.21 -5.17 4.40
CA GLU A 99 -9.45 -4.13 3.71
C GLU A 99 -9.83 -4.07 2.24
N MET A 100 -10.04 -5.23 1.61
CA MET A 100 -10.47 -5.30 0.23
C MET A 100 -11.87 -4.72 0.07
N GLN A 101 -12.81 -5.04 0.98
CA GLN A 101 -14.17 -4.49 0.92
C GLN A 101 -14.08 -2.98 1.00
N LEU A 102 -13.32 -2.49 2.01
CA LEU A 102 -13.19 -1.05 2.24
C LEU A 102 -12.60 -0.32 1.04
N ALA A 103 -11.51 -0.87 0.46
CA ALA A 103 -10.85 -0.21 -0.69
C ALA A 103 -11.79 -0.15 -1.90
N HIS A 104 -12.50 -1.25 -2.20
CA HIS A 104 -13.39 -1.24 -3.35
C HIS A 104 -14.58 -0.30 -3.12
N MET A 105 -15.07 -0.24 -1.85
CA MET A 105 -16.16 0.68 -1.55
C MET A 105 -15.68 2.15 -1.65
N ASN A 106 -14.49 2.46 -1.11
CA ASN A 106 -13.92 3.81 -1.22
C ASN A 106 -13.72 4.22 -2.69
N ARG A 107 -13.29 3.28 -3.54
CA ARG A 107 -13.10 3.56 -4.95
C ARG A 107 -14.46 3.83 -5.64
N HIS A 108 -15.51 3.13 -5.23
CA HIS A 108 -16.85 3.37 -5.75
C HIS A 108 -17.32 4.78 -5.35
N LEU A 109 -17.09 5.16 -4.08
CA LEU A 109 -17.55 6.47 -3.55
C LEU A 109 -16.75 7.63 -4.10
N MET A 110 -15.43 7.45 -4.25
CA MET A 110 -14.54 8.52 -4.72
C MET A 110 -13.48 7.86 -5.64
N PRO A 111 -13.75 7.74 -6.96
CA PRO A 111 -12.83 7.02 -7.86
C PRO A 111 -11.40 7.54 -7.93
N GLU A 112 -11.23 8.84 -7.74
CA GLU A 112 -9.91 9.49 -7.77
C GLU A 112 -9.11 9.34 -6.47
N LEU A 113 -9.70 8.74 -5.44
CA LEU A 113 -8.99 8.51 -4.18
C LEU A 113 -8.31 7.13 -4.26
N GLU A 114 -7.01 7.07 -4.07
CA GLU A 114 -6.29 5.81 -4.17
C GLU A 114 -5.98 5.31 -2.76
N SER A 115 -6.37 4.06 -2.45
CA SER A 115 -6.02 3.43 -1.18
C SER A 115 -4.60 2.89 -1.28
N VAL A 116 -3.74 3.30 -0.35
N VAL A 116 -3.76 3.28 -0.36
CA VAL A 116 -2.30 2.95 -0.26
CA VAL A 116 -2.38 2.77 -0.34
C VAL A 116 -2.05 2.14 1.03
C VAL A 116 -2.17 2.05 0.98
N PHE A 117 -1.56 0.88 0.91
CA PHE A 117 -1.31 0.03 2.08
C PHE A 117 0.17 0.11 2.45
N LEU A 118 0.43 0.54 3.69
CA LEU A 118 1.78 0.65 4.25
C LEU A 118 1.98 -0.47 5.25
N MET A 119 3.22 -0.94 5.40
N MET A 119 3.23 -0.90 5.41
CA MET A 119 3.54 -2.04 6.32
CA MET A 119 3.53 -1.97 6.35
C MET A 119 4.29 -1.50 7.56
C MET A 119 4.27 -1.44 7.58
N PRO A 120 3.80 -1.77 8.80
CA PRO A 120 4.53 -1.30 9.98
C PRO A 120 5.78 -2.13 10.21
N SER A 121 6.63 -1.64 11.13
CA SER A 121 7.81 -2.37 11.56
C SER A 121 7.33 -3.73 12.10
N LYS A 122 8.17 -4.77 12.03
CA LYS A 122 7.84 -6.09 12.60
C LYS A 122 7.43 -5.92 14.08
N GLU A 123 8.08 -4.95 14.77
CA GLU A 123 7.87 -4.67 16.20
C GLU A 123 6.39 -4.42 16.52
N TRP A 124 5.67 -3.75 15.61
CA TRP A 124 4.27 -3.39 15.82
C TRP A 124 3.29 -4.19 14.94
N SER A 125 3.78 -5.24 14.30
CA SER A 125 2.96 -6.01 13.35
C SER A 125 1.92 -6.95 13.95
N PHE A 126 1.94 -7.15 15.27
CA PHE A 126 1.05 -8.10 15.95
C PHE A 126 0.18 -7.44 17.03
N ILE A 127 0.14 -6.11 17.07
CA ILE A 127 -0.65 -5.37 18.06
C ILE A 127 -1.80 -4.65 17.43
N SER A 128 -2.77 -4.26 18.25
CA SER A 128 -3.91 -3.45 17.85
C SER A 128 -4.30 -2.63 19.07
N SER A 129 -5.01 -1.51 18.87
CA SER A 129 -5.50 -0.67 19.99
C SER A 129 -6.41 -1.55 20.85
N SER A 130 -7.20 -2.41 20.19
CA SER A 130 -8.14 -3.29 20.87
C SER A 130 -7.41 -4.21 21.85
N LEU A 131 -6.36 -4.88 21.36
CA LEU A 131 -5.59 -5.80 22.21
C LEU A 131 -4.90 -5.04 23.33
N VAL A 132 -4.30 -3.88 22.98
CA VAL A 132 -3.65 -3.03 23.99
C VAL A 132 -4.64 -2.67 25.11
N LYS A 133 -5.85 -2.21 24.76
CA LYS A 133 -6.86 -1.85 25.75
C LYS A 133 -7.26 -3.06 26.62
N GLU A 134 -7.46 -4.24 26.01
CA GLU A 134 -7.83 -5.45 26.77
C GLU A 134 -6.76 -5.81 27.81
N VAL A 135 -5.49 -5.78 27.40
CA VAL A 135 -4.36 -6.09 28.26
C VAL A 135 -4.29 -5.09 29.41
N ALA A 136 -4.35 -3.77 29.08
CA ALA A 136 -4.28 -2.69 30.08
C ALA A 136 -5.46 -2.78 31.07
N ARG A 137 -6.69 -3.03 30.56
CA ARG A 137 -7.89 -3.17 31.41
C ARG A 137 -7.76 -4.35 32.39
N HIS A 138 -7.02 -5.39 31.99
CA HIS A 138 -6.82 -6.56 32.84
C HIS A 138 -5.45 -6.56 33.52
N GLN A 139 -4.90 -5.34 33.76
CA GLN A 139 -3.68 -5.07 34.55
C GLN A 139 -2.35 -5.59 33.96
N GLY A 140 -2.24 -5.58 32.64
CA GLY A 140 -1.03 -6.00 31.96
C GLY A 140 -0.22 -4.81 31.50
N ASP A 141 1.08 -5.03 31.32
CA ASP A 141 2.02 -4.00 30.92
C ASP A 141 2.02 -3.72 29.42
N VAL A 142 1.57 -2.50 29.05
CA VAL A 142 1.50 -2.10 27.64
C VAL A 142 2.40 -0.89 27.32
N THR A 143 3.23 -0.45 28.28
CA THR A 143 4.10 0.74 28.11
C THR A 143 4.86 0.70 26.78
N HIS A 144 5.40 -0.49 26.43
CA HIS A 144 6.19 -0.65 25.21
C HIS A 144 5.44 -0.28 23.91
N PHE A 145 4.11 -0.40 23.90
CA PHE A 145 3.35 -0.18 22.65
C PHE A 145 2.85 1.22 22.44
N LEU A 146 3.02 2.08 23.44
CA LEU A 146 2.45 3.42 23.39
C LEU A 146 3.43 4.57 23.49
N PRO A 147 3.09 5.73 22.87
CA PRO A 147 3.85 6.95 23.13
C PRO A 147 3.68 7.28 24.63
N GLU A 148 4.68 7.90 25.24
CA GLU A 148 4.68 8.24 26.67
C GLU A 148 3.39 8.99 27.10
N ASN A 149 2.94 9.99 26.33
CA ASN A 149 1.74 10.78 26.70
C ASN A 149 0.49 9.89 26.76
N VAL A 150 0.42 8.92 25.85
CA VAL A 150 -0.69 7.96 25.78
C VAL A 150 -0.66 7.01 26.98
N HIS A 151 0.53 6.51 27.35
CA HIS A 151 0.75 5.65 28.52
C HIS A 151 0.26 6.37 29.79
N GLN A 152 0.63 7.64 29.95
CA GLN A 152 0.19 8.46 31.10
C GLN A 152 -1.35 8.66 31.10
N ALA A 153 -1.95 8.97 29.93
CA ALA A 153 -3.41 9.17 29.83
C ALA A 153 -4.16 7.86 30.09
N LEU A 154 -3.63 6.74 29.59
CA LEU A 154 -4.27 5.42 29.75
C LEU A 154 -4.27 4.98 31.23
N MET A 155 -3.16 5.20 31.93
CA MET A 155 -3.08 4.88 33.36
C MET A 155 -4.09 5.73 34.15
N ALA A 156 -4.19 7.03 33.83
CA ALA A 156 -5.14 7.92 34.49
C ALA A 156 -6.58 7.45 34.23
N LYS A 157 -6.90 7.06 32.97
CA LYS A 157 -8.24 6.61 32.59
C LYS A 157 -8.62 5.32 33.37
N LEU A 158 -7.69 4.35 33.44
CA LEU A 158 -7.94 3.10 34.16
C LEU A 158 -7.97 3.23 35.66
N ALA A 159 -7.32 4.26 36.22
CA ALA A 159 -7.31 4.48 37.67
C ALA A 159 -8.68 4.84 38.23
N VAL A 160 -9.48 5.58 37.45
CA VAL A 160 -10.80 6.06 37.89
C VAL A 160 -11.98 5.18 37.41
N LYS B 3 9.49 12.67 -6.76
CA LYS B 3 9.26 11.40 -6.10
C LYS B 3 9.31 10.25 -7.15
N ARG B 4 10.24 9.28 -6.95
CA ARG B 4 10.44 8.17 -7.89
C ARG B 4 10.05 6.83 -7.28
N ALA B 5 9.16 6.11 -8.00
CA ALA B 5 8.66 4.81 -7.59
C ALA B 5 9.04 3.73 -8.58
N ILE B 6 9.33 2.55 -8.07
CA ILE B 6 9.65 1.39 -8.89
C ILE B 6 8.52 0.36 -8.74
N TYR B 7 8.08 -0.23 -9.84
CA TYR B 7 7.05 -1.26 -9.84
C TYR B 7 7.75 -2.50 -10.42
N PRO B 8 8.33 -3.33 -9.53
CA PRO B 8 9.09 -4.48 -10.02
C PRO B 8 8.27 -5.75 -10.15
N GLY B 9 8.68 -6.63 -11.04
CA GLY B 9 7.97 -7.89 -11.23
C GLY B 9 8.53 -8.72 -12.37
N THR B 10 8.02 -9.94 -12.54
CA THR B 10 8.51 -10.81 -13.63
C THR B 10 7.84 -10.43 -14.95
N PHE B 11 6.55 -10.00 -14.88
CA PHE B 11 5.77 -9.52 -16.02
C PHE B 11 5.92 -10.43 -17.22
N ASP B 12 5.58 -11.71 -17.03
CA ASP B 12 5.74 -12.77 -18.01
C ASP B 12 4.42 -13.39 -18.49
N PRO B 13 3.63 -12.72 -19.36
CA PRO B 13 3.81 -11.34 -19.85
C PRO B 13 3.03 -10.32 -18.99
N ILE B 14 3.20 -9.02 -19.28
CA ILE B 14 2.46 -7.94 -18.63
C ILE B 14 0.97 -8.12 -18.99
N THR B 15 0.07 -7.99 -18.01
CA THR B 15 -1.39 -8.17 -18.21
C THR B 15 -2.08 -6.84 -17.98
N ASN B 16 -3.41 -6.79 -18.21
CA ASN B 16 -4.20 -5.59 -17.94
C ASN B 16 -4.20 -5.26 -16.45
N GLY B 17 -4.02 -6.27 -15.59
CA GLY B 17 -3.93 -6.07 -14.13
C GLY B 17 -2.66 -5.28 -13.81
N HIS B 18 -1.55 -5.60 -14.49
CA HIS B 18 -0.30 -4.85 -14.31
C HIS B 18 -0.44 -3.41 -14.85
N ILE B 19 -1.11 -3.24 -15.99
CA ILE B 19 -1.33 -1.91 -16.58
C ILE B 19 -2.18 -1.08 -15.62
N ASP B 20 -3.18 -1.72 -14.99
CA ASP B 20 -4.02 -1.04 -14.02
C ASP B 20 -3.15 -0.50 -12.87
N ILE B 21 -2.29 -1.34 -12.29
CA ILE B 21 -1.41 -0.93 -11.16
C ILE B 21 -0.45 0.20 -11.53
N VAL B 22 0.26 0.05 -12.66
CA VAL B 22 1.23 1.08 -13.08
C VAL B 22 0.51 2.39 -13.38
N THR B 23 -0.71 2.34 -13.99
CA THR B 23 -1.47 3.56 -14.26
C THR B 23 -1.80 4.25 -12.91
N ARG B 24 -2.27 3.49 -11.89
CA ARG B 24 -2.56 4.07 -10.57
C ARG B 24 -1.29 4.71 -9.97
N ALA B 25 -0.15 4.04 -10.13
CA ALA B 25 1.14 4.51 -9.62
C ALA B 25 1.51 5.87 -10.21
N THR B 26 1.30 6.07 -11.53
CA THR B 26 1.61 7.34 -12.23
C THR B 26 0.71 8.49 -11.80
N GLN B 27 -0.45 8.19 -11.21
CA GLN B 27 -1.36 9.24 -10.74
C GLN B 27 -0.93 9.72 -9.36
N MET B 28 -0.01 8.99 -8.73
CA MET B 28 0.48 9.27 -7.38
C MET B 28 1.89 9.78 -7.33
N PHE B 29 2.76 9.25 -8.20
CA PHE B 29 4.18 9.59 -8.16
C PHE B 29 4.64 10.20 -9.48
N ASP B 30 5.57 11.15 -9.41
CA ASP B 30 6.10 11.91 -10.54
C ASP B 30 6.74 11.03 -11.62
N HIS B 31 7.53 10.03 -11.20
CA HIS B 31 8.21 9.14 -12.14
C HIS B 31 8.05 7.70 -11.68
N VAL B 32 7.64 6.82 -12.60
CA VAL B 32 7.46 5.42 -12.27
C VAL B 32 8.37 4.59 -13.18
N ILE B 33 9.16 3.71 -12.57
CA ILE B 33 10.04 2.79 -13.29
C ILE B 33 9.34 1.42 -13.25
N LEU B 34 8.89 0.90 -14.41
CA LEU B 34 8.31 -0.44 -14.42
C LEU B 34 9.56 -1.34 -14.66
N ALA B 35 9.93 -2.12 -13.62
CA ALA B 35 11.17 -2.89 -13.60
C ALA B 35 10.93 -4.34 -13.77
N ILE B 36 11.43 -4.91 -14.87
CA ILE B 36 11.20 -6.31 -15.20
C ILE B 36 12.38 -7.15 -14.74
N ALA B 37 12.14 -8.07 -13.78
CA ALA B 37 13.18 -8.96 -13.26
C ALA B 37 13.40 -10.10 -14.23
N ALA B 38 14.67 -10.45 -14.50
CA ALA B 38 15.00 -11.54 -15.42
C ALA B 38 14.36 -12.85 -14.95
N SER B 39 14.38 -13.10 -13.62
CA SER B 39 13.74 -14.28 -12.96
C SER B 39 14.02 -15.65 -13.63
N PRO B 40 15.29 -16.03 -13.93
CA PRO B 40 15.52 -17.36 -14.53
C PRO B 40 14.98 -18.56 -13.74
N SER B 41 14.93 -18.48 -12.38
CA SER B 41 14.42 -19.60 -11.56
C SER B 41 12.98 -19.96 -11.89
N LYS B 42 12.20 -18.96 -12.37
CA LYS B 42 10.81 -19.11 -12.75
C LYS B 42 10.65 -19.68 -14.15
N LYS B 43 11.77 -19.85 -14.90
CA LYS B 43 11.80 -20.36 -16.29
C LYS B 43 10.73 -19.60 -17.14
N PRO B 44 10.91 -18.27 -17.33
CA PRO B 44 9.88 -17.48 -18.02
C PRO B 44 9.63 -17.86 -19.47
N MET B 45 8.38 -17.67 -19.93
CA MET B 45 7.96 -17.96 -21.29
C MET B 45 8.66 -17.03 -22.28
N PHE B 46 8.74 -15.74 -21.92
CA PHE B 46 9.34 -14.71 -22.74
C PHE B 46 10.69 -14.31 -22.20
N THR B 47 11.64 -14.00 -23.08
CA THR B 47 12.96 -13.55 -22.63
C THR B 47 12.80 -12.18 -21.97
N LEU B 48 13.83 -11.73 -21.24
CA LEU B 48 13.78 -10.43 -20.61
C LEU B 48 13.61 -9.34 -21.67
N GLU B 49 14.36 -9.44 -22.78
CA GLU B 49 14.30 -8.50 -23.91
C GLU B 49 12.88 -8.40 -24.48
N GLU B 50 12.21 -9.54 -24.67
CA GLU B 50 10.81 -9.58 -25.15
C GLU B 50 9.86 -8.90 -24.16
N ARG B 51 9.98 -9.25 -22.85
CA ARG B 51 9.12 -8.70 -21.79
C ARG B 51 9.25 -7.17 -21.69
N VAL B 52 10.49 -6.65 -21.80
CA VAL B 52 10.78 -5.22 -21.79
C VAL B 52 10.09 -4.58 -23.01
N ALA B 53 10.28 -5.14 -24.23
CA ALA B 53 9.68 -4.64 -25.46
C ALA B 53 8.14 -4.63 -25.35
N LEU B 54 7.55 -5.70 -24.82
CA LEU B 54 6.08 -5.79 -24.67
C LEU B 54 5.55 -4.73 -23.72
N ALA B 55 6.22 -4.55 -22.58
CA ALA B 55 5.83 -3.58 -21.56
C ALA B 55 6.04 -2.16 -22.07
N GLN B 56 7.12 -1.90 -22.83
CA GLN B 56 7.37 -0.57 -23.41
C GLN B 56 6.21 -0.17 -24.32
N GLN B 57 5.83 -1.08 -25.24
CA GLN B 57 4.73 -0.82 -26.17
C GLN B 57 3.40 -0.70 -25.43
N ALA B 58 3.15 -1.57 -24.43
CA ALA B 58 1.90 -1.56 -23.65
C ALA B 58 1.73 -0.29 -22.79
N THR B 59 2.84 0.39 -22.43
CA THR B 59 2.80 1.58 -21.57
C THR B 59 3.14 2.90 -22.29
N ALA B 60 3.37 2.85 -23.61
CA ALA B 60 3.73 4.01 -24.43
C ALA B 60 2.83 5.26 -24.23
N HIS B 61 1.54 5.04 -23.94
CA HIS B 61 0.54 6.10 -23.72
C HIS B 61 0.70 6.84 -22.37
N LEU B 62 1.48 6.27 -21.42
CA LEU B 62 1.74 6.86 -20.09
C LEU B 62 3.10 7.58 -20.11
N GLY B 63 3.04 8.90 -20.10
CA GLY B 63 4.22 9.76 -20.19
C GLY B 63 5.31 9.61 -19.16
N ASN B 64 4.95 9.30 -17.90
CA ASN B 64 5.92 9.23 -16.81
C ASN B 64 6.27 7.79 -16.38
N VAL B 65 6.19 6.83 -17.34
CA VAL B 65 6.59 5.44 -17.12
C VAL B 65 7.86 5.18 -17.93
N GLU B 66 8.85 4.55 -17.30
CA GLU B 66 10.09 4.15 -17.93
C GLU B 66 10.20 2.63 -17.71
N VAL B 67 10.33 1.85 -18.78
CA VAL B 67 10.43 0.39 -18.65
C VAL B 67 11.91 -0.01 -18.69
N VAL B 68 12.36 -0.78 -17.68
CA VAL B 68 13.76 -1.22 -17.63
C VAL B 68 13.83 -2.69 -17.17
N GLY B 69 14.83 -3.42 -17.64
CA GLY B 69 15.03 -4.80 -17.19
C GLY B 69 16.12 -4.85 -16.15
N PHE B 70 16.16 -5.91 -15.30
CA PHE B 70 17.24 -6.04 -14.31
C PHE B 70 17.40 -7.48 -13.87
N SER B 71 18.63 -7.87 -13.49
CA SER B 71 18.93 -9.22 -13.00
C SER B 71 19.49 -9.11 -11.57
N ASP B 72 19.64 -7.87 -11.11
CA ASP B 72 20.20 -7.45 -9.82
C ASP B 72 19.27 -7.78 -8.66
N LEU B 73 19.79 -7.61 -7.44
CA LEU B 73 18.95 -7.71 -6.24
C LEU B 73 18.00 -6.50 -6.35
N MET B 74 16.72 -6.76 -6.08
N MET B 74 16.69 -6.73 -6.12
CA MET B 74 15.64 -5.78 -6.09
CA MET B 74 15.62 -5.72 -6.20
C MET B 74 16.05 -4.46 -5.42
C MET B 74 15.93 -4.42 -5.40
N ALA B 75 16.46 -4.55 -4.15
CA ALA B 75 16.82 -3.40 -3.32
C ALA B 75 17.96 -2.57 -3.91
N ASN B 76 18.96 -3.24 -4.51
CA ASN B 76 20.10 -2.56 -5.12
C ASN B 76 19.64 -1.81 -6.36
N PHE B 77 18.81 -2.44 -7.17
CA PHE B 77 18.25 -1.81 -8.37
C PHE B 77 17.40 -0.58 -8.01
N ALA B 78 16.58 -0.64 -6.93
CA ALA B 78 15.78 0.51 -6.47
C ALA B 78 16.73 1.63 -6.01
N ARG B 79 17.79 1.31 -5.23
CA ARG B 79 18.78 2.33 -4.80
C ARG B 79 19.41 2.98 -6.02
N ASN B 80 19.75 2.17 -7.04
CA ASN B 80 20.42 2.63 -8.25
C ASN B 80 19.50 3.45 -9.14
N GLN B 81 18.18 3.31 -8.98
CA GLN B 81 17.22 4.11 -9.71
C GLN B 81 16.82 5.36 -8.91
N HIS B 82 17.41 5.55 -7.70
CA HIS B 82 17.09 6.66 -6.78
C HIS B 82 15.59 6.58 -6.40
N ALA B 83 15.06 5.37 -6.25
CA ALA B 83 13.63 5.20 -5.92
C ALA B 83 13.49 5.10 -4.41
N THR B 84 12.42 5.67 -3.85
CA THR B 84 12.15 5.59 -2.41
C THR B 84 10.80 4.92 -2.19
N VAL B 85 10.14 4.50 -3.29
CA VAL B 85 8.85 3.84 -3.20
C VAL B 85 8.89 2.58 -4.05
N LEU B 86 8.45 1.46 -3.47
CA LEU B 86 8.36 0.18 -4.17
C LEU B 86 6.89 -0.20 -4.23
N ILE B 87 6.32 -0.27 -5.45
CA ILE B 87 4.90 -0.56 -5.66
C ILE B 87 4.71 -2.06 -5.90
N ARG B 88 3.69 -2.65 -5.30
CA ARG B 88 3.28 -4.03 -5.59
C ARG B 88 1.76 -4.09 -5.57
N GLY B 89 1.19 -4.85 -6.48
CA GLY B 89 -0.25 -5.02 -6.54
C GLY B 89 -0.65 -6.13 -5.58
N LEU B 90 -1.80 -5.98 -4.91
CA LEU B 90 -2.34 -6.99 -3.99
C LEU B 90 -3.72 -7.43 -4.46
N ARG B 91 -3.87 -8.69 -4.91
CA ARG B 91 -5.16 -9.23 -5.37
C ARG B 91 -5.97 -9.89 -4.26
N ALA B 92 -5.30 -10.71 -3.41
CA ALA B 92 -5.97 -11.48 -2.35
C ALA B 92 -5.00 -11.91 -1.24
N VAL B 93 -5.54 -12.53 -0.15
CA VAL B 93 -4.84 -12.99 1.07
C VAL B 93 -3.58 -13.82 0.75
N ALA B 94 -3.67 -14.74 -0.22
CA ALA B 94 -2.58 -15.62 -0.67
C ALA B 94 -1.34 -14.82 -1.10
N ASP B 95 -1.55 -13.67 -1.78
CA ASP B 95 -0.48 -12.80 -2.23
C ASP B 95 0.11 -12.05 -1.04
N PHE B 96 -0.78 -11.48 -0.17
CA PHE B 96 -0.46 -10.68 1.01
C PHE B 96 0.65 -11.27 1.90
N GLU B 97 0.64 -12.59 2.14
CA GLU B 97 1.63 -13.27 2.99
C GLU B 97 3.04 -13.26 2.39
N TYR B 98 3.17 -13.68 1.12
CA TYR B 98 4.47 -13.67 0.43
C TYR B 98 5.01 -12.24 0.23
N GLU B 99 4.10 -11.29 -0.04
CA GLU B 99 4.44 -9.87 -0.21
C GLU B 99 5.07 -9.27 1.04
N MET B 100 4.59 -9.69 2.23
CA MET B 100 5.10 -9.24 3.53
C MET B 100 6.55 -9.65 3.73
N GLN B 101 6.92 -10.91 3.34
CA GLN B 101 8.29 -11.41 3.47
C GLN B 101 9.24 -10.58 2.60
N LEU B 102 8.87 -10.37 1.32
CA LEU B 102 9.69 -9.61 0.39
C LEU B 102 9.82 -8.19 0.91
N ALA B 103 8.70 -7.58 1.34
CA ALA B 103 8.74 -6.19 1.82
C ALA B 103 9.61 -6.04 3.07
N HIS B 104 9.53 -7.00 4.02
CA HIS B 104 10.41 -6.89 5.21
C HIS B 104 11.89 -7.11 4.85
N MET B 105 12.15 -7.97 3.84
CA MET B 105 13.52 -8.22 3.40
C MET B 105 14.04 -6.98 2.70
N ASN B 106 13.23 -6.39 1.81
CA ASN B 106 13.60 -5.17 1.15
C ASN B 106 13.86 -4.03 2.13
N ARG B 107 13.06 -3.95 3.23
CA ARG B 107 13.26 -2.92 4.24
C ARG B 107 14.56 -3.17 4.98
N HIS B 108 14.89 -4.46 5.25
CA HIS B 108 16.16 -4.80 5.90
C HIS B 108 17.34 -4.34 5.02
N LEU B 109 17.24 -4.56 3.69
CA LEU B 109 18.31 -4.24 2.74
C LEU B 109 18.37 -2.74 2.40
N MET B 110 17.23 -2.03 2.46
CA MET B 110 17.16 -0.58 2.15
C MET B 110 15.99 0.01 2.97
N PRO B 111 16.24 0.45 4.22
CA PRO B 111 15.14 0.93 5.08
C PRO B 111 14.40 2.15 4.58
N GLU B 112 15.04 2.97 3.71
CA GLU B 112 14.37 4.17 3.18
C GLU B 112 13.46 3.85 1.99
N LEU B 113 13.49 2.59 1.49
CA LEU B 113 12.64 2.21 0.37
C LEU B 113 11.32 1.73 0.94
N GLU B 114 10.25 2.51 0.77
CA GLU B 114 8.97 2.15 1.34
C GLU B 114 8.17 1.29 0.41
N SER B 115 7.73 0.11 0.90
CA SER B 115 6.86 -0.74 0.09
C SER B 115 5.42 -0.24 0.23
N VAL B 116 4.75 -0.07 -0.92
N VAL B 116 4.75 -0.09 -0.88
CA VAL B 116 3.39 0.47 -1.04
CA VAL B 116 3.36 0.33 -0.86
C VAL B 116 2.54 -0.55 -1.82
C VAL B 116 2.59 -0.65 -1.71
N PHE B 117 1.41 -1.00 -1.26
CA PHE B 117 0.56 -1.93 -1.99
C PHE B 117 -0.64 -1.21 -2.51
N LEU B 118 -1.01 -1.55 -3.74
CA LEU B 118 -2.19 -1.02 -4.41
C LEU B 118 -3.07 -2.18 -4.75
N MET B 119 -4.37 -1.93 -4.81
CA MET B 119 -5.34 -2.97 -5.16
C MET B 119 -5.86 -2.76 -6.56
N PRO B 120 -5.82 -3.78 -7.44
CA PRO B 120 -6.32 -3.59 -8.79
C PRO B 120 -7.84 -3.47 -8.78
N SER B 121 -8.34 -3.07 -9.93
CA SER B 121 -9.76 -3.00 -10.23
C SER B 121 -10.37 -4.41 -9.98
N LYS B 122 -11.67 -4.46 -9.67
CA LYS B 122 -12.36 -5.76 -9.54
C LYS B 122 -12.19 -6.55 -10.86
N GLU B 123 -12.18 -5.83 -12.00
CA GLU B 123 -12.04 -6.44 -13.33
C GLU B 123 -10.81 -7.39 -13.44
N TRP B 124 -9.70 -7.04 -12.75
CA TRP B 124 -8.46 -7.81 -12.87
C TRP B 124 -8.04 -8.52 -11.58
N SER B 125 -8.96 -8.60 -10.60
CA SER B 125 -8.69 -9.17 -9.28
C SER B 125 -8.55 -10.69 -9.26
N PHE B 126 -8.93 -11.38 -10.35
CA PHE B 126 -8.87 -12.84 -10.39
C PHE B 126 -7.98 -13.37 -11.51
N ILE B 127 -7.11 -12.52 -12.07
CA ILE B 127 -6.20 -12.96 -13.13
C ILE B 127 -4.74 -12.88 -12.69
N SER B 128 -3.87 -13.57 -13.43
CA SER B 128 -2.42 -13.57 -13.19
C SER B 128 -1.78 -13.92 -14.52
N SER B 129 -0.48 -13.62 -14.68
CA SER B 129 0.22 -14.01 -15.92
C SER B 129 0.12 -15.52 -16.10
N SER B 130 0.30 -16.27 -14.98
CA SER B 130 0.27 -17.75 -14.99
C SER B 130 -1.07 -18.30 -15.51
N LEU B 131 -2.19 -17.76 -15.00
CA LEU B 131 -3.51 -18.19 -15.46
C LEU B 131 -3.71 -17.86 -16.95
N VAL B 132 -3.31 -16.65 -17.38
CA VAL B 132 -3.48 -16.24 -18.79
C VAL B 132 -2.67 -17.21 -19.71
N LYS B 133 -1.45 -17.55 -19.32
CA LYS B 133 -0.61 -18.48 -20.10
C LYS B 133 -1.21 -19.87 -20.19
N GLU B 134 -1.79 -20.36 -19.07
CA GLU B 134 -2.43 -21.69 -18.99
C GLU B 134 -3.60 -21.75 -19.99
N VAL B 135 -4.46 -20.73 -19.99
CA VAL B 135 -5.61 -20.64 -20.90
C VAL B 135 -5.13 -20.59 -22.36
N ALA B 136 -4.15 -19.70 -22.65
CA ALA B 136 -3.61 -19.55 -24.00
C ALA B 136 -2.92 -20.81 -24.51
N ARG B 137 -2.25 -21.59 -23.62
CA ARG B 137 -1.61 -22.86 -23.99
C ARG B 137 -2.65 -23.85 -24.49
N HIS B 138 -3.92 -23.68 -24.05
CA HIS B 138 -5.02 -24.54 -24.44
C HIS B 138 -5.92 -23.86 -25.45
N GLN B 139 -5.38 -22.84 -26.13
CA GLN B 139 -6.06 -22.12 -27.22
C GLN B 139 -7.34 -21.38 -26.77
N GLY B 140 -7.41 -21.03 -25.49
CA GLY B 140 -8.53 -20.29 -24.92
C GLY B 140 -8.34 -18.81 -25.17
N ASP B 141 -9.45 -18.06 -25.33
CA ASP B 141 -9.38 -16.65 -25.67
C ASP B 141 -9.02 -15.79 -24.46
N VAL B 142 -7.89 -15.07 -24.55
CA VAL B 142 -7.40 -14.19 -23.46
C VAL B 142 -7.29 -12.72 -23.91
N THR B 143 -7.97 -12.35 -25.02
CA THR B 143 -7.90 -10.97 -25.54
C THR B 143 -8.36 -9.94 -24.52
N HIS B 144 -9.34 -10.30 -23.70
CA HIS B 144 -9.86 -9.41 -22.69
C HIS B 144 -8.83 -9.02 -21.62
N PHE B 145 -7.84 -9.87 -21.37
CA PHE B 145 -6.92 -9.68 -20.24
C PHE B 145 -5.58 -9.07 -20.55
N LEU B 146 -5.28 -8.87 -21.81
CA LEU B 146 -3.95 -8.39 -22.20
C LEU B 146 -4.00 -7.21 -23.15
N PRO B 147 -2.95 -6.35 -23.10
CA PRO B 147 -2.84 -5.30 -24.12
C PRO B 147 -2.76 -5.96 -25.49
N GLU B 148 -3.21 -5.25 -26.54
CA GLU B 148 -3.23 -5.78 -27.90
C GLU B 148 -1.88 -6.37 -28.33
N ASN B 149 -0.76 -5.62 -28.18
CA ASN B 149 0.58 -6.09 -28.58
C ASN B 149 1.01 -7.37 -27.84
N VAL B 150 0.62 -7.49 -26.57
CA VAL B 150 0.95 -8.65 -25.73
C VAL B 150 0.17 -9.86 -26.20
N HIS B 151 -1.13 -9.68 -26.46
CA HIS B 151 -1.97 -10.77 -26.93
C HIS B 151 -1.38 -11.34 -28.24
N GLN B 152 -1.03 -10.46 -29.21
CA GLN B 152 -0.40 -10.86 -30.49
C GLN B 152 0.86 -11.69 -30.21
N ALA B 153 1.76 -11.18 -29.34
CA ALA B 153 3.01 -11.86 -29.01
C ALA B 153 2.81 -13.21 -28.36
N LEU B 154 1.80 -13.33 -27.47
CA LEU B 154 1.47 -14.60 -26.80
C LEU B 154 0.95 -15.60 -27.84
N MET B 155 0.09 -15.15 -28.78
CA MET B 155 -0.45 -15.99 -29.86
C MET B 155 0.72 -16.48 -30.71
N ALA B 156 1.61 -15.56 -31.13
CA ALA B 156 2.77 -15.84 -31.98
C ALA B 156 3.75 -16.79 -31.30
N LYS B 157 4.01 -16.58 -29.99
CA LYS B 157 4.92 -17.43 -29.19
C LYS B 157 4.39 -18.86 -29.11
N LEU B 158 3.06 -19.03 -28.95
CA LEU B 158 2.44 -20.34 -28.88
C LEU B 158 2.09 -20.95 -30.25
N ALA B 159 2.18 -20.15 -31.35
CA ALA B 159 1.85 -20.63 -32.70
C ALA B 159 2.86 -21.68 -33.19
C1 EXV C . -12.56 3.26 9.83
C2 EXV C . -11.73 4.36 10.05
C3 EXV C . -12.27 5.63 10.16
O1 EXV C . -10.75 1.71 9.67
O2 EXV C . -15.41 5.66 3.30
C11 EXV C . -16.49 5.77 8.63
C12 EXV C . -16.44 4.99 7.35
C13 EXV C . -16.76 3.43 5.85
C14 EXV C . -17.07 2.30 5.10
C15 EXV C . -16.80 2.29 3.73
C16 EXV C . -16.24 3.43 3.13
C17 EXV C . -15.92 4.55 3.89
C18 EXV C . -16.18 4.56 5.28
C EXV C . -11.98 1.90 9.63
O EXV C . -12.83 0.92 9.42
C6 EXV C . -13.94 3.46 9.77
C5 EXV C . -14.50 4.74 9.87
C4 EXV C . -13.64 5.83 10.07
C7 EXV C . -16.00 4.92 9.84
C10 EXV C . -17.93 6.20 9.00
C9 EXV C . -17.97 6.18 10.53
C8 EXV C . -16.60 5.70 11.03
N1 EXV C . -15.97 5.55 6.24
N EXV C . -16.92 3.73 7.20
S SO4 D . 11.15 -3.52 10.33
O1 SO4 D . 11.08 -4.50 11.42
O2 SO4 D . 12.38 -3.59 9.61
O3 SO4 D . 10.02 -3.69 9.48
O4 SO4 D . 11.19 -2.24 11.03
S SO4 E . -5.55 -0.83 15.02
O1 SO4 E . -4.79 -0.51 16.24
O2 SO4 E . -4.95 -1.99 14.38
O3 SO4 E . -6.93 -1.09 15.37
O4 SO4 E . -5.56 0.29 14.07
S SO4 F . 1.14 -11.86 -11.65
O1 SO4 F . 0.61 -12.30 -10.37
O2 SO4 F . 1.89 -12.95 -12.25
O3 SO4 F . 0.09 -11.46 -12.51
O4 SO4 F . 2.07 -10.73 -11.43
S SO4 G . 6.88 -11.46 -9.30
O1 SO4 G . 5.92 -11.98 -8.33
O2 SO4 G . 7.61 -12.59 -9.87
O3 SO4 G . 6.27 -10.69 -10.35
O4 SO4 G . 7.80 -10.55 -8.63
S SO4 H . 16.03 -15.59 -9.68
O1 SO4 H . 15.58 -15.77 -8.30
O2 SO4 H . 17.32 -16.23 -9.88
O3 SO4 H . 15.08 -16.19 -10.60
O4 SO4 H . 16.10 -14.17 -9.97
S SO4 I . -12.91 -1.02 -9.33
O1 SO4 I . -12.13 -1.38 -8.23
O2 SO4 I . -13.55 -2.22 -9.86
O3 SO4 I . -13.88 0.00 -8.97
O4 SO4 I . -12.14 -0.44 -10.44
#